data_8DC8
#
_entry.id   8DC8
#
_cell.length_a   68.279
_cell.length_b   85.950
_cell.length_c   84.140
_cell.angle_alpha   90.000
_cell.angle_beta   90.000
_cell.angle_gamma   90.000
#
_symmetry.space_group_name_H-M   'C 2 2 21'
#
loop_
_entity.id
_entity.type
_entity.pdbx_description
1 polymer 'Cellular tumor antigen p53'
2 non-polymer '2-methyl-1-[(4P)-3-methyl-4-(2-methyl-1,2,3,4-tetrahydroisoquinolin-6-yl)-1H-pyrrolo[2,3-c]pyridin-1-yl]prop-2-en-1-one, bound form'
3 non-polymer 'SULFATE ION'
4 non-polymer 'ZINC ION'
5 non-polymer 'MAGNESIUM ION'
6 water water
#
_entity_poly.entity_id   1
_entity_poly.type   'polypeptide(L)'
_entity_poly.pdbx_seq_one_letter_code
;GSMSSSVPSQKTYQGSYGFRLGFLHSGTAKSVTSTYSPALNKLFCQLAKTCPVQLWVDSTPPPGTRVRAMAIYKQSQHMT
EVVRRCPHHERSSDSDGLAPPQHLIRVEGNLRVEYLDDRNTFRHSVVVPCEPPEVGSDSTTIHYNYMCYSSCMGGMNRRP
ILTIITLEDSSGNLLGRDSFEVRVSASPGRDRRTEEENLRKKGEPHHELPPGSTKRALPNNT
;
_entity_poly.pdbx_strand_id   A
#
loop_
_chem_comp.id
_chem_comp.type
_chem_comp.name
_chem_comp.formula
MG non-polymer 'MAGNESIUM ION' 'Mg 2'
R50 non-polymer '2-methyl-1-[(4P)-3-methyl-4-(2-methyl-1,2,3,4-tetrahydroisoquinolin-6-yl)-1H-pyrrolo[2,3-c]pyridin-1-yl]prop-2-en-1-one, bound form' 'C22 H25 N3 O'
SO4 non-polymer 'SULFATE ION' 'O4 S -2'
ZN non-polymer 'ZINC ION' 'Zn 2'
#
# COMPACT_ATOMS: atom_id res chain seq x y z
N GLY A 1 -5.19 -13.75 15.25
CA GLY A 1 -4.22 -13.70 14.16
C GLY A 1 -4.38 -14.81 13.14
N SER A 2 -4.68 -14.43 11.90
CA SER A 2 -4.60 -15.37 10.79
C SER A 2 -3.14 -15.55 10.41
N MET A 3 -2.68 -16.80 10.36
CA MET A 3 -1.29 -17.10 10.08
C MET A 3 -1.17 -17.70 8.68
N SER A 4 -0.33 -17.10 7.86
CA SER A 4 -0.06 -17.60 6.52
C SER A 4 1.07 -18.62 6.56
N SER A 5 1.12 -19.47 5.54
CA SER A 5 2.22 -20.40 5.40
C SER A 5 3.23 -19.98 4.35
N SER A 6 3.24 -18.69 4.00
CA SER A 6 4.17 -18.16 3.03
C SER A 6 4.32 -16.68 3.32
N VAL A 7 5.30 -16.08 2.67
CA VAL A 7 5.54 -14.63 2.75
C VAL A 7 5.75 -14.12 1.34
N PRO A 8 5.01 -13.09 0.90
CA PRO A 8 5.22 -12.55 -0.44
C PRO A 8 6.63 -12.00 -0.59
N SER A 9 7.19 -12.16 -1.78
CA SER A 9 8.49 -11.57 -2.06
C SER A 9 8.41 -10.06 -1.93
N GLN A 10 9.48 -9.47 -1.39
CA GLN A 10 9.64 -8.02 -1.28
C GLN A 10 10.72 -7.51 -2.20
N LYS A 11 11.25 -8.35 -3.07
CA LYS A 11 12.41 -8.00 -3.87
C LYS A 11 12.03 -6.96 -4.93
N THR A 12 12.70 -5.83 -4.91
CA THR A 12 12.47 -4.81 -5.92
C THR A 12 12.80 -5.38 -7.29
N TYR A 13 11.90 -5.15 -8.25
CA TYR A 13 12.05 -5.75 -9.58
C TYR A 13 11.46 -4.78 -10.59
N GLN A 14 12.32 -4.08 -11.34
CA GLN A 14 11.82 -3.16 -12.34
C GLN A 14 11.27 -3.88 -13.57
N GLY A 15 11.82 -5.05 -13.88
CA GLY A 15 11.33 -5.83 -15.01
C GLY A 15 11.53 -5.16 -16.37
N SER A 16 10.89 -5.75 -17.37
CA SER A 16 11.06 -5.30 -18.75
C SER A 16 10.60 -3.88 -18.96
N TYR A 17 9.62 -3.41 -18.19
CA TYR A 17 9.01 -2.12 -18.43
C TYR A 17 9.56 -1.01 -17.55
N GLY A 18 10.53 -1.31 -16.69
CA GLY A 18 11.12 -0.27 -15.88
C GLY A 18 10.19 0.24 -14.80
N PHE A 19 9.49 -0.67 -14.13
CA PHE A 19 8.47 -0.30 -13.15
C PHE A 19 9.09 0.17 -11.85
N ARG A 20 8.61 1.31 -11.34
CA ARG A 20 8.97 1.77 -10.01
C ARG A 20 7.95 2.78 -9.52
N LEU A 21 7.94 3.01 -8.20
CA LEU A 21 6.99 3.94 -7.61
C LEU A 21 7.57 5.34 -7.47
N GLY A 22 6.68 6.32 -7.49
CA GLY A 22 7.03 7.67 -7.12
C GLY A 22 6.03 8.21 -6.10
N PHE A 23 6.46 9.23 -5.38
CA PHE A 23 5.65 9.83 -4.35
C PHE A 23 5.67 11.34 -4.51
N LEU A 24 4.62 11.99 -4.01
CA LEU A 24 4.66 13.44 -3.94
C LEU A 24 5.71 13.88 -2.94
N HIS A 25 6.26 15.08 -3.13
CA HIS A 25 7.23 15.64 -2.20
C HIS A 25 6.48 16.66 -1.35
N SER A 26 5.86 16.16 -0.29
CA SER A 26 4.85 16.91 0.44
C SER A 26 5.40 17.72 1.61
N GLY A 27 6.63 17.45 2.05
CA GLY A 27 7.15 18.13 3.23
C GLY A 27 6.56 17.59 4.52
N THR A 28 6.93 18.23 5.64
CA THR A 28 6.53 17.75 6.96
C THR A 28 5.74 18.78 7.77
N ALA A 29 5.05 19.71 7.12
CA ALA A 29 4.21 20.65 7.85
C ALA A 29 3.05 19.91 8.54
N LYS A 30 2.56 20.54 9.62
CA LYS A 30 1.46 19.96 10.40
C LYS A 30 0.22 19.68 9.55
N SER A 31 0.02 20.44 8.48
CA SER A 31 -1.17 20.29 7.66
C SER A 31 -1.12 19.10 6.70
N VAL A 32 0.02 18.43 6.54
CA VAL A 32 0.07 17.35 5.54
C VAL A 32 -0.69 16.14 6.06
N THR A 33 -1.41 15.47 5.15
CA THR A 33 -2.10 14.24 5.51
C THR A 33 -1.32 12.99 5.10
N SER A 34 -0.32 13.14 4.24
CA SER A 34 0.59 12.05 3.92
C SER A 34 1.91 12.65 3.47
N THR A 35 2.99 11.96 3.78
CA THR A 35 4.30 12.45 3.35
C THR A 35 5.23 11.26 3.28
N TYR A 36 6.14 11.30 2.30
CA TYR A 36 7.03 10.18 2.01
C TYR A 36 8.46 10.58 2.32
N SER A 37 9.17 9.72 3.05
CA SER A 37 10.57 9.94 3.38
C SER A 37 11.44 9.12 2.45
N PRO A 38 12.17 9.73 1.52
CA PRO A 38 13.07 8.94 0.68
C PRO A 38 14.19 8.28 1.47
N ALA A 39 14.67 8.93 2.53
CA ALA A 39 15.79 8.36 3.29
C ALA A 39 15.37 7.09 4.01
N LEU A 40 14.13 7.03 4.47
CA LEU A 40 13.61 5.85 5.15
C LEU A 40 12.84 4.92 4.22
N ASN A 41 12.59 5.32 2.98
CA ASN A 41 11.65 4.66 2.06
C ASN A 41 10.36 4.31 2.80
N LYS A 42 9.77 5.35 3.38
CA LYS A 42 8.69 5.16 4.33
C LYS A 42 7.63 6.23 4.12
N LEU A 43 6.39 5.77 3.97
CA LEU A 43 5.23 6.64 3.83
C LEU A 43 4.60 6.84 5.20
N PHE A 44 4.33 8.10 5.54
CA PHE A 44 3.66 8.48 6.78
C PHE A 44 2.31 9.05 6.38
N CYS A 45 1.22 8.50 6.92
CA CYS A 45 -0.08 9.01 6.52
C CYS A 45 -1.05 8.99 7.69
N GLN A 46 -2.16 9.71 7.51
CA GLN A 46 -3.26 9.77 8.45
C GLN A 46 -4.27 8.68 8.14
N LEU A 47 -5.08 8.36 9.14
CA LEU A 47 -6.11 7.34 9.01
C LEU A 47 -7.13 7.70 7.92
N ALA A 48 -7.29 6.81 6.94
CA ALA A 48 -8.35 6.92 5.93
C ALA A 48 -8.27 8.20 5.12
N LYS A 49 -7.08 8.74 4.94
CA LYS A 49 -6.87 9.87 4.05
C LYS A 49 -6.19 9.40 2.78
N THR A 50 -6.42 10.12 1.69
CA THR A 50 -5.84 9.75 0.40
C THR A 50 -4.32 9.77 0.46
N CYS A 51 -3.70 8.67 0.01
CA CYS A 51 -2.25 8.60 -0.18
C CYS A 51 -1.95 8.42 -1.66
N PRO A 52 -1.52 9.46 -2.37
CA PRO A 52 -1.23 9.29 -3.80
C PRO A 52 0.09 8.56 -3.98
N VAL A 53 0.08 7.55 -4.84
CA VAL A 53 1.30 6.84 -5.22
C VAL A 53 1.35 6.84 -6.73
N GLN A 54 2.48 7.26 -7.27
CA GLN A 54 2.67 7.32 -8.72
C GLN A 54 3.28 6.01 -9.23
N LEU A 55 2.80 5.56 -10.39
CA LEU A 55 3.33 4.36 -11.03
C LEU A 55 4.10 4.80 -12.26
N TRP A 56 5.39 4.49 -12.29
CA TRP A 56 6.26 4.89 -13.39
C TRP A 56 6.73 3.66 -14.14
N VAL A 57 6.77 3.77 -15.48
CA VAL A 57 7.38 2.76 -16.34
C VAL A 57 8.17 3.48 -17.42
N ASP A 58 9.11 2.76 -18.02
CA ASP A 58 9.85 3.28 -19.17
C ASP A 58 9.22 2.89 -20.49
N SER A 59 8.42 1.83 -20.52
CA SER A 59 7.72 1.36 -21.71
C SER A 59 6.32 0.93 -21.31
N THR A 60 5.39 1.02 -22.26
CA THR A 60 3.99 0.73 -21.95
C THR A 60 3.78 -0.78 -21.79
N PRO A 61 3.21 -1.24 -20.67
CA PRO A 61 2.97 -2.66 -20.48
C PRO A 61 1.83 -3.13 -21.37
N PRO A 62 1.64 -4.44 -21.51
CA PRO A 62 0.61 -4.94 -22.44
C PRO A 62 -0.79 -4.60 -21.96
N PRO A 63 -1.78 -4.64 -22.84
CA PRO A 63 -3.14 -4.29 -22.42
C PRO A 63 -3.64 -5.25 -21.33
N GLY A 64 -4.48 -4.71 -20.47
CA GLY A 64 -5.01 -5.51 -19.38
C GLY A 64 -4.09 -5.63 -18.18
N THR A 65 -3.02 -4.83 -18.14
CA THR A 65 -2.11 -4.85 -16.99
C THR A 65 -2.82 -4.30 -15.76
N ARG A 66 -2.49 -4.88 -14.60
CA ARG A 66 -3.11 -4.49 -13.33
C ARG A 66 -2.04 -4.18 -12.31
N VAL A 67 -2.41 -3.44 -11.27
CA VAL A 67 -1.49 -3.08 -10.20
C VAL A 67 -2.11 -3.49 -8.87
N ARG A 68 -1.37 -4.28 -8.09
CA ARG A 68 -1.84 -4.88 -6.84
C ARG A 68 -1.05 -4.31 -5.68
N ALA A 69 -1.73 -4.06 -4.56
CA ALA A 69 -1.09 -3.65 -3.31
C ALA A 69 -1.41 -4.66 -2.21
N MET A 70 -0.41 -4.94 -1.38
CA MET A 70 -0.52 -5.89 -0.28
C MET A 70 0.39 -5.42 0.85
N ALA A 71 -0.07 -5.56 2.08
CA ALA A 71 0.73 -5.23 3.25
C ALA A 71 1.27 -6.49 3.92
N ILE A 72 2.51 -6.42 4.42
CA ILE A 72 3.07 -7.47 5.27
C ILE A 72 3.75 -6.79 6.45
N TYR A 73 3.93 -7.54 7.54
CA TYR A 73 4.70 -7.01 8.66
C TYR A 73 6.18 -6.98 8.29
N LYS A 74 6.86 -5.91 8.70
CA LYS A 74 8.26 -5.72 8.34
C LYS A 74 9.18 -6.65 9.12
N GLN A 75 8.86 -6.91 10.38
CA GLN A 75 9.75 -7.66 11.26
C GLN A 75 9.65 -9.15 11.00
N SER A 76 10.82 -9.82 10.98
CA SER A 76 10.85 -11.24 10.62
CA SER A 76 10.86 -11.24 10.63
C SER A 76 9.91 -12.07 11.48
N GLN A 77 9.85 -11.79 12.78
CA GLN A 77 9.04 -12.63 13.66
C GLN A 77 7.54 -12.48 13.43
N HIS A 78 7.10 -11.45 12.71
CA HIS A 78 5.69 -11.24 12.43
C HIS A 78 5.30 -11.43 10.97
N MET A 79 6.26 -11.75 10.10
CA MET A 79 5.99 -11.72 8.66
C MET A 79 4.91 -12.71 8.24
N THR A 80 4.77 -13.84 8.92
CA THR A 80 3.76 -14.79 8.48
C THR A 80 2.36 -14.46 9.00
N GLU A 81 2.23 -13.47 9.87
CA GLU A 81 0.91 -13.06 10.33
C GLU A 81 0.25 -12.15 9.30
N VAL A 82 -0.99 -12.46 8.93
CA VAL A 82 -1.67 -11.66 7.91
C VAL A 82 -1.97 -10.27 8.48
N VAL A 83 -1.64 -9.23 7.72
CA VAL A 83 -1.97 -7.86 8.11
C VAL A 83 -3.45 -7.64 7.85
N ARG A 84 -4.19 -7.22 8.88
CA ARG A 84 -5.63 -7.03 8.74
C ARG A 84 -6.07 -5.86 9.60
N ARG A 85 -7.29 -5.39 9.36
CA ARG A 85 -7.83 -4.35 10.23
C ARG A 85 -8.12 -4.88 11.62
N CYS A 86 -8.09 -3.98 12.60
CA CYS A 86 -8.35 -4.34 13.98
C CYS A 86 -9.83 -4.66 14.17
N PRO A 87 -10.18 -5.34 15.26
CA PRO A 87 -11.60 -5.68 15.48
C PRO A 87 -12.52 -4.46 15.50
N HIS A 88 -12.14 -3.40 16.20
CA HIS A 88 -13.00 -2.21 16.27
C HIS A 88 -13.33 -1.69 14.88
N HIS A 89 -12.31 -1.44 14.06
CA HIS A 89 -12.56 -0.81 12.77
C HIS A 89 -13.25 -1.76 11.81
N GLU A 90 -12.97 -3.06 11.88
CA GLU A 90 -13.67 -4.00 11.01
C GLU A 90 -15.17 -3.98 11.29
N ARG A 91 -15.54 -3.95 12.57
CA ARG A 91 -16.94 -3.89 12.97
C ARG A 91 -17.55 -2.50 12.83
N SER A 92 -16.75 -1.48 12.50
CA SER A 92 -17.25 -0.13 12.38
C SER A 92 -18.11 0.09 11.15
N SER A 93 -18.09 -0.86 10.20
CA SER A 93 -18.92 -0.82 9.00
C SER A 93 -18.78 0.52 8.25
N ASP A 94 -17.56 1.02 8.19
CA ASP A 94 -17.21 2.22 7.43
C ASP A 94 -16.86 1.92 5.98
N SER A 95 -17.33 0.79 5.46
CA SER A 95 -16.97 0.40 4.10
C SER A 95 -17.59 1.36 3.10
N ASP A 96 -16.90 1.53 1.98
CA ASP A 96 -17.41 2.27 0.84
C ASP A 96 -18.32 1.40 -0.03
N GLY A 97 -18.69 0.22 0.46
CA GLY A 97 -19.47 -0.73 -0.27
C GLY A 97 -18.66 -1.70 -1.12
N LEU A 98 -17.45 -1.30 -1.51
CA LEU A 98 -16.62 -2.15 -2.34
C LEU A 98 -15.62 -2.95 -1.54
N ALA A 99 -15.03 -2.34 -0.50
CA ALA A 99 -13.94 -2.97 0.22
C ALA A 99 -14.46 -3.86 1.35
N PRO A 100 -13.89 -5.05 1.47
CA PRO A 100 -14.16 -5.90 2.63
C PRO A 100 -13.76 -5.17 3.90
N PRO A 101 -14.55 -5.28 4.96
CA PRO A 101 -14.25 -4.49 6.17
C PRO A 101 -12.96 -4.92 6.87
N GLN A 102 -12.45 -6.12 6.57
CA GLN A 102 -11.21 -6.57 7.19
C GLN A 102 -9.96 -6.03 6.50
N HIS A 103 -10.07 -5.48 5.30
CA HIS A 103 -8.88 -5.10 4.53
C HIS A 103 -8.30 -3.78 5.01
N LEU A 104 -6.98 -3.77 5.24
CA LEU A 104 -6.30 -2.55 5.66
C LEU A 104 -6.21 -1.53 4.53
N ILE A 105 -5.87 -1.97 3.31
CA ILE A 105 -5.61 -1.06 2.19
C ILE A 105 -6.84 -1.01 1.28
N ARG A 106 -7.34 0.20 1.04
CA ARG A 106 -8.37 0.46 0.04
C ARG A 106 -7.82 1.33 -1.09
N VAL A 107 -8.49 1.27 -2.23
CA VAL A 107 -8.28 2.23 -3.30
C VAL A 107 -9.54 3.08 -3.42
N GLU A 108 -9.36 4.40 -3.43
CA GLU A 108 -10.48 5.31 -3.59
C GLU A 108 -10.53 5.87 -5.01
N GLY A 109 -11.75 6.23 -5.42
CA GLY A 109 -11.92 6.87 -6.71
C GLY A 109 -11.82 5.97 -7.91
N ASN A 110 -12.00 4.66 -7.74
CA ASN A 110 -11.88 3.73 -8.86
C ASN A 110 -12.94 2.66 -8.75
N LEU A 111 -13.95 2.73 -9.63
CA LEU A 111 -15.03 1.76 -9.62
C LEU A 111 -14.64 0.39 -10.15
N ARG A 112 -13.45 0.23 -10.72
CA ARG A 112 -12.99 -1.05 -11.21
C ARG A 112 -12.09 -1.77 -10.22
N VAL A 113 -12.09 -1.30 -8.97
CA VAL A 113 -11.25 -1.89 -7.93
C VAL A 113 -11.72 -3.30 -7.63
N GLU A 114 -10.77 -4.18 -7.33
CA GLU A 114 -11.05 -5.58 -7.03
C GLU A 114 -10.30 -5.97 -5.77
N TYR A 115 -10.98 -6.63 -4.84
CA TYR A 115 -10.36 -7.01 -3.58
C TYR A 115 -10.25 -8.53 -3.51
N LEU A 116 -9.12 -9.02 -2.99
CA LEU A 116 -8.86 -10.46 -2.95
C LEU A 116 -8.54 -10.90 -1.53
N ASP A 117 -9.25 -11.92 -1.04
CA ASP A 117 -8.82 -12.75 0.08
C ASP A 117 -8.23 -14.00 -0.53
N ASP A 118 -6.91 -14.16 -0.47
CA ASP A 118 -6.29 -15.31 -1.12
C ASP A 118 -6.71 -16.60 -0.42
N ARG A 119 -7.24 -17.56 -1.21
CA ARG A 119 -7.80 -18.76 -0.60
C ARG A 119 -6.73 -19.68 -0.03
N ASN A 120 -5.49 -19.57 -0.50
CA ASN A 120 -4.39 -20.41 -0.03
C ASN A 120 -3.50 -19.70 0.98
N THR A 121 -3.12 -18.45 0.70
CA THR A 121 -2.20 -17.74 1.59
C THR A 121 -2.91 -16.95 2.68
N PHE A 122 -4.22 -16.71 2.52
CA PHE A 122 -5.05 -15.92 3.43
C PHE A 122 -4.71 -14.42 3.42
N ARG A 123 -3.83 -13.98 2.53
CA ARG A 123 -3.45 -12.57 2.47
C ARG A 123 -4.52 -11.74 1.75
N HIS A 124 -4.64 -10.48 2.17
CA HIS A 124 -5.53 -9.53 1.54
C HIS A 124 -4.77 -8.70 0.52
N SER A 125 -5.43 -8.35 -0.57
CA SER A 125 -4.82 -7.41 -1.49
C SER A 125 -5.91 -6.68 -2.25
N VAL A 126 -5.52 -5.58 -2.87
CA VAL A 126 -6.43 -4.76 -3.67
C VAL A 126 -5.75 -4.51 -5.02
N VAL A 127 -6.50 -4.68 -6.11
CA VAL A 127 -5.92 -4.57 -7.44
C VAL A 127 -6.84 -3.70 -8.31
N VAL A 128 -6.23 -2.89 -9.16
CA VAL A 128 -6.96 -2.04 -10.10
C VAL A 128 -6.31 -2.14 -11.47
N PRO A 129 -7.07 -1.87 -12.53
CA PRO A 129 -6.44 -1.75 -13.86
C PRO A 129 -5.37 -0.69 -13.85
N CYS A 130 -4.26 -0.95 -14.53
CA CYS A 130 -3.20 0.05 -14.64
C CYS A 130 -3.34 0.77 -15.96
N GLU A 131 -3.54 2.07 -15.91
CA GLU A 131 -3.81 3.04 -16.96
C GLU A 131 -2.54 3.82 -17.27
N PRO A 132 -2.29 4.11 -18.54
CA PRO A 132 -1.34 5.18 -18.87
C PRO A 132 -1.89 6.51 -18.40
N PRO A 133 -1.07 7.55 -18.31
CA PRO A 133 -1.58 8.86 -17.89
C PRO A 133 -2.67 9.35 -18.83
N GLU A 134 -3.65 10.04 -18.26
CA GLU A 134 -4.73 10.62 -19.05
C GLU A 134 -4.24 11.82 -19.85
N VAL A 135 -5.03 12.22 -20.85
CA VAL A 135 -4.69 13.39 -21.63
C VAL A 135 -4.59 14.60 -20.70
N GLY A 136 -3.50 15.34 -20.82
CA GLY A 136 -3.25 16.47 -19.95
C GLY A 136 -2.54 16.14 -18.67
N SER A 137 -2.10 14.89 -18.50
CA SER A 137 -1.35 14.47 -17.32
C SER A 137 -0.07 13.78 -17.77
N ASP A 138 0.94 13.83 -16.91
CA ASP A 138 2.20 13.15 -17.18
C ASP A 138 2.47 12.01 -16.21
N SER A 139 1.48 11.62 -15.40
CA SER A 139 1.68 10.61 -14.38
C SER A 139 0.43 9.76 -14.22
N THR A 140 0.62 8.54 -13.71
CA THR A 140 -0.47 7.65 -13.32
C THR A 140 -0.45 7.53 -11.82
N THR A 141 -1.53 7.96 -11.15
CA THR A 141 -1.58 7.97 -9.70
C THR A 141 -2.69 7.06 -9.19
N ILE A 142 -2.38 6.27 -8.16
CA ILE A 142 -3.38 5.49 -7.44
C ILE A 142 -3.57 6.14 -6.08
N HIS A 143 -4.81 6.26 -5.64
CA HIS A 143 -5.12 6.88 -4.36
C HIS A 143 -5.40 5.76 -3.36
N TYR A 144 -4.42 5.45 -2.52
CA TYR A 144 -4.61 4.44 -1.49
C TYR A 144 -5.12 5.08 -0.20
N ASN A 145 -5.84 4.29 0.58
CA ASN A 145 -6.33 4.67 1.91
C ASN A 145 -5.94 3.57 2.86
N TYR A 146 -5.31 3.92 3.98
CA TYR A 146 -4.99 2.94 5.04
C TYR A 146 -6.01 3.09 6.16
N MET A 147 -6.68 1.99 6.49
CA MET A 147 -7.93 2.06 7.24
C MET A 147 -7.78 1.74 8.72
N CYS A 148 -6.55 1.63 9.22
CA CYS A 148 -6.23 1.49 10.63
C CYS A 148 -4.98 2.29 10.93
N TYR A 149 -4.87 2.76 12.18
CA TYR A 149 -3.61 3.29 12.68
C TYR A 149 -2.60 2.18 12.88
N SER A 150 -1.31 2.52 12.77
CA SER A 150 -0.29 1.55 13.15
C SER A 150 -0.43 1.11 14.60
N SER A 151 -0.97 1.98 15.46
CA SER A 151 -1.16 1.65 16.87
C SER A 151 -2.46 0.87 17.16
N CYS A 152 -3.27 0.56 16.15
CA CYS A 152 -4.54 -0.13 16.41
C CYS A 152 -4.29 -1.47 17.10
N MET A 153 -4.79 -1.59 18.34
CA MET A 153 -4.67 -2.82 19.10
C MET A 153 -5.51 -3.92 18.45
N GLY A 154 -4.94 -5.11 18.36
CA GLY A 154 -5.63 -6.20 17.70
C GLY A 154 -5.53 -6.18 16.19
N GLY A 155 -4.92 -5.14 15.62
CA GLY A 155 -4.58 -5.11 14.21
C GLY A 155 -3.06 -5.02 14.12
N MET A 156 -2.55 -3.92 13.56
CA MET A 156 -1.10 -3.81 13.42
C MET A 156 -0.40 -3.73 14.76
N ASN A 157 -1.07 -3.22 15.80
CA ASN A 157 -0.58 -3.37 17.16
C ASN A 157 0.82 -2.80 17.33
N ARG A 158 1.05 -1.62 16.74
CA ARG A 158 2.31 -0.86 16.80
C ARG A 158 3.45 -1.51 16.02
N ARG A 159 3.17 -2.54 15.20
CA ARG A 159 4.21 -3.16 14.38
C ARG A 159 4.32 -2.47 13.03
N PRO A 160 5.53 -2.18 12.56
CA PRO A 160 5.70 -1.58 11.23
C PRO A 160 5.29 -2.54 10.13
N ILE A 161 4.73 -1.99 9.06
CA ILE A 161 4.35 -2.78 7.90
C ILE A 161 5.08 -2.27 6.66
N LEU A 162 5.17 -3.16 5.67
CA LEU A 162 5.58 -2.85 4.33
C LEU A 162 4.39 -2.98 3.40
N THR A 163 4.25 -2.04 2.49
CA THR A 163 3.31 -2.19 1.37
C THR A 163 4.10 -2.64 0.15
N ILE A 164 3.66 -3.72 -0.49
CA ILE A 164 4.28 -4.26 -1.69
C ILE A 164 3.35 -3.96 -2.86
N ILE A 165 3.86 -3.24 -3.86
CA ILE A 165 3.10 -2.93 -5.06
C ILE A 165 3.64 -3.80 -6.20
N THR A 166 2.77 -4.56 -6.84
CA THR A 166 3.19 -5.40 -7.95
CA THR A 166 3.16 -5.44 -7.93
C THR A 166 2.43 -5.02 -9.21
N LEU A 167 3.17 -4.95 -10.31
CA LEU A 167 2.58 -4.79 -11.63
C LEU A 167 2.41 -6.20 -12.21
N GLU A 168 1.20 -6.54 -12.63
CA GLU A 168 0.97 -7.88 -13.17
C GLU A 168 0.26 -7.79 -14.51
N ASP A 169 0.44 -8.82 -15.33
CA ASP A 169 -0.30 -8.82 -16.59
C ASP A 169 -1.70 -9.36 -16.33
N SER A 170 -2.50 -9.42 -17.39
CA SER A 170 -3.91 -9.77 -17.22
C SER A 170 -4.07 -11.17 -16.66
N SER A 171 -3.10 -12.05 -16.89
CA SER A 171 -3.12 -13.41 -16.37
C SER A 171 -2.53 -13.53 -14.98
N GLY A 172 -2.07 -12.44 -14.39
CA GLY A 172 -1.52 -12.47 -13.04
C GLY A 172 -0.04 -12.68 -12.95
N ASN A 173 0.65 -12.79 -14.08
CA ASN A 173 2.10 -12.97 -14.06
C ASN A 173 2.81 -11.69 -13.64
N LEU A 174 3.89 -11.86 -12.89
CA LEU A 174 4.64 -10.73 -12.34
C LEU A 174 5.36 -9.95 -13.44
N LEU A 175 5.13 -8.64 -13.48
CA LEU A 175 5.86 -7.75 -14.38
C LEU A 175 6.80 -6.80 -13.67
N GLY A 176 6.54 -6.47 -12.41
CA GLY A 176 7.38 -5.54 -11.69
C GLY A 176 6.94 -5.49 -10.24
N ARG A 177 7.85 -5.04 -9.37
CA ARG A 177 7.57 -5.00 -7.95
C ARG A 177 8.36 -3.87 -7.29
N ASP A 178 7.70 -3.17 -6.37
CA ASP A 178 8.35 -2.15 -5.56
C ASP A 178 7.66 -2.17 -4.20
N SER A 179 8.24 -1.49 -3.21
CA SER A 179 7.68 -1.57 -1.88
C SER A 179 8.12 -0.36 -1.08
N PHE A 180 7.45 -0.15 0.05
CA PHE A 180 7.78 0.95 0.96
C PHE A 180 7.21 0.62 2.34
N GLU A 181 7.87 1.15 3.37
CA GLU A 181 7.32 1.03 4.72
C GLU A 181 6.20 2.04 4.93
N VAL A 182 5.29 1.74 5.85
CA VAL A 182 4.17 2.64 6.13
C VAL A 182 4.02 2.80 7.64
N ARG A 183 3.76 4.04 8.08
CA ARG A 183 3.29 4.32 9.42
C ARG A 183 2.02 5.14 9.31
N VAL A 184 0.92 4.66 9.89
CA VAL A 184 -0.34 5.39 9.90
C VAL A 184 -0.50 5.99 11.29
N SER A 185 -0.56 7.32 11.35
CA SER A 185 -0.71 7.99 12.64
C SER A 185 -1.48 9.28 12.42
N ALA A 186 -1.81 9.94 13.53
CA ALA A 186 -2.54 11.20 13.44
C ALA A 186 -1.65 12.38 13.09
N SER A 187 -0.32 12.22 13.12
CA SER A 187 0.61 13.33 12.91
C SER A 187 1.74 12.92 11.98
N PRO A 188 1.44 12.68 10.71
CA PRO A 188 2.48 12.15 9.81
C PRO A 188 3.65 13.10 9.60
N GLY A 189 3.42 14.40 9.48
CA GLY A 189 4.53 15.31 9.25
C GLY A 189 5.49 15.34 10.43
N ARG A 190 4.94 15.49 11.63
CA ARG A 190 5.76 15.43 12.85
C ARG A 190 6.47 14.10 12.98
N ASP A 191 5.76 13.00 12.70
CA ASP A 191 6.39 11.69 12.86
C ASP A 191 7.52 11.48 11.88
N ARG A 192 7.35 11.92 10.62
CA ARG A 192 8.45 11.82 9.66
C ARG A 192 9.63 12.68 10.11
N ARG A 193 9.36 13.92 10.50
CA ARG A 193 10.46 14.80 10.90
C ARG A 193 11.22 14.18 12.06
N THR A 194 10.50 13.61 13.03
CA THR A 194 11.14 13.01 14.20
C THR A 194 11.98 11.79 13.82
N GLU A 195 11.43 10.90 13.00
CA GLU A 195 12.17 9.69 12.66
C GLU A 195 13.41 10.01 11.85
N GLU A 196 13.36 11.03 11.00
CA GLU A 196 14.54 11.40 10.24
C GLU A 196 15.60 12.03 11.14
N GLU A 197 15.19 12.68 12.23
CA GLU A 197 16.19 13.20 13.15
C GLU A 197 16.90 12.08 13.91
N ASN A 198 16.28 10.91 14.01
CA ASN A 198 16.86 9.75 14.67
C ASN A 198 17.74 8.92 13.74
N LEU A 199 18.06 9.43 12.55
CA LEU A 199 18.97 8.75 11.64
C LEU A 199 20.42 8.89 12.07
C13 R50 B . 3.16 5.38 -18.27
C15 R50 B . 3.74 6.84 -16.15
C20 R50 B . 2.09 1.68 -14.81
C21 R50 B . -0.11 0.93 -15.73
C24 R50 B . 6.60 8.38 -18.81
C26 R50 B . 6.99 10.86 -19.08
C01 R50 B . 7.38 13.13 -19.61
C03 R50 B . 5.34 12.15 -20.35
C04 R50 B . 4.22 11.10 -20.12
C05 R50 B . 4.79 9.73 -19.68
C06 R50 B . 3.97 8.57 -19.78
C07 R50 B . 4.49 7.34 -19.38
C08 R50 B . 3.68 6.01 -19.46
C09 R50 B . 3.49 5.42 -20.69
C11 R50 B . 2.30 3.66 -19.74
C12 R50 B . 2.46 4.21 -18.44
C14 R50 B . 3.13 5.66 -16.88
C16 R50 B . 2.42 4.63 -16.25
C18 R50 B . 1.27 2.53 -17.00
C19 R50 B . 0.84 2.13 -15.57
C23 R50 B . 6.06 9.65 -19.20
C25 R50 B . 5.80 7.24 -18.90
N02 R50 B . 6.35 12.16 -19.28
N10 R50 B . 2.81 4.28 -20.80
N17 R50 B . 2.03 3.77 -17.20
O22 R50 B . 0.96 1.85 -17.91
S SO4 C . 15.59 -5.44 -12.23
O1 SO4 C . 14.57 -5.71 -13.25
O2 SO4 C . 15.03 -4.67 -11.10
O3 SO4 C . 16.09 -6.72 -11.73
O4 SO4 C . 16.67 -4.67 -12.82
S SO4 D . 4.82 3.96 18.53
O1 SO4 D . 3.56 3.21 18.56
O2 SO4 D . 4.51 5.39 18.61
O3 SO4 D . 5.67 3.57 19.65
O4 SO4 D . 5.53 3.68 17.28
ZN ZN E . -8.04 -0.12 13.56
MG MG F . 11.80 3.52 -3.98
#